data_2PZJ
#
_entry.id   2PZJ
#
_cell.length_a   82.884
_cell.length_b   77.875
_cell.length_c   59.226
_cell.angle_alpha   90.00
_cell.angle_beta   108.17
_cell.angle_gamma   90.00
#
_symmetry.space_group_name_H-M   'C 1 2 1'
#
loop_
_entity.id
_entity.type
_entity.pdbx_description
1 polymer 'Putative nucleotide sugar epimerase/ dehydratase'
2 non-polymer NICOTINAMIDE-ADENINE-DINUCLEOTIDE
3 water water
#
_entity_poly.entity_id   1
_entity_poly.type   'polypeptide(L)'
_entity_poly.pdbx_seq_one_letter_code
;MGSSHHHHHHSSGLVPRGSHMPVIMNASKLANTNVMVVGGAGFVGSNLVKRLLELGVNQVHVVDNLLSAEKINVPDHPAV
RFSETSITDDALLASLQDEYDYVFHLATYHGNQSSIHDPLADHENNTLTTLKLYERLKHFKRLKKVVYSAAGCSIAEKTF
DDAKATEETDIVSLHNNDSPYSMSKIFGEFYSVYYHKQHQLPTVRARFQNVYGPGEILGAGRWRGTPATVWRNVTPTFIY
KALKGMPLPLENGGVATRDFIFVEDVANGLIACAADGTPGGVYNIASGKETSIADLATKINEITGNNTELDRLPKRPWDN
SGKRFGSPEKARRELGFSADVSIDDGLRKTIEWTKANLAVIEQIMRKHDSALATYGK
;
_entity_poly.pdbx_strand_id   A
#
loop_
_chem_comp.id
_chem_comp.type
_chem_comp.name
_chem_comp.formula
NAD non-polymer NICOTINAMIDE-ADENINE-DINUCLEOTIDE 'C21 H27 N7 O14 P2'
#
# COMPACT_ATOMS: atom_id res chain seq x y z
N SER A 28 -17.07 4.61 16.11
CA SER A 28 -15.63 4.77 15.76
C SER A 28 -15.10 6.13 16.23
N LYS A 29 -13.87 6.16 16.73
CA LYS A 29 -13.19 7.42 17.01
C LYS A 29 -13.06 8.30 15.74
N LEU A 30 -13.21 7.71 14.55
CA LEU A 30 -13.03 8.47 13.32
C LEU A 30 -14.34 9.09 12.78
N ALA A 31 -15.48 8.71 13.37
CA ALA A 31 -16.76 9.31 12.99
C ALA A 31 -16.70 10.84 13.09
N ASN A 32 -17.17 11.52 12.04
CA ASN A 32 -17.24 12.99 11.99
C ASN A 32 -15.91 13.74 12.04
N THR A 33 -14.82 13.04 11.73
CA THR A 33 -13.50 13.64 11.74
C THR A 33 -13.08 14.11 10.33
N ASN A 34 -12.08 14.99 10.31
CA ASN A 34 -11.48 15.42 9.06
C ASN A 34 -10.20 14.65 8.92
N VAL A 35 -10.05 13.98 7.80
CA VAL A 35 -8.89 13.13 7.57
C VAL A 35 -8.19 13.51 6.25
N MET A 36 -6.86 13.48 6.27
CA MET A 36 -6.05 13.61 5.04
CA MET A 36 -6.07 13.58 5.05
C MET A 36 -5.48 12.21 4.72
N VAL A 37 -5.60 11.79 3.45
CA VAL A 37 -4.94 10.59 2.94
C VAL A 37 -3.99 11.01 1.80
N VAL A 38 -2.71 11.12 2.17
CA VAL A 38 -1.63 11.31 1.18
C VAL A 38 -1.42 9.99 0.47
N GLY A 39 -1.44 10.04 -0.84
CA GLY A 39 -1.48 8.81 -1.63
C GLY A 39 -2.82 8.10 -1.69
N GLY A 40 -3.90 8.82 -1.35
CA GLY A 40 -5.26 8.28 -1.33
C GLY A 40 -5.93 7.80 -2.61
N ALA A 41 -5.36 8.09 -3.78
CA ALA A 41 -5.89 7.55 -5.03
C ALA A 41 -5.27 6.19 -5.37
N GLY A 42 -4.31 5.73 -4.57
CA GLY A 42 -3.62 4.48 -4.84
C GLY A 42 -4.40 3.24 -4.43
N PHE A 43 -3.70 2.10 -4.44
CA PHE A 43 -4.27 0.80 -4.10
C PHE A 43 -4.78 0.77 -2.64
N VAL A 44 -3.85 0.91 -1.69
CA VAL A 44 -4.21 0.87 -0.29
C VAL A 44 -5.02 2.10 0.06
N GLY A 45 -4.61 3.25 -0.47
CA GLY A 45 -5.26 4.53 -0.20
C GLY A 45 -6.74 4.54 -0.53
N SER A 46 -7.08 4.12 -1.76
CA SER A 46 -8.46 4.15 -2.22
C SER A 46 -9.37 3.29 -1.36
N ASN A 47 -8.86 2.13 -0.97
CA ASN A 47 -9.58 1.24 -0.05
C ASN A 47 -9.74 1.83 1.36
N LEU A 48 -8.72 2.53 1.86
CA LEU A 48 -8.81 3.27 3.12
C LEU A 48 -9.84 4.37 3.05
N VAL A 49 -9.83 5.14 1.95
CA VAL A 49 -10.83 6.18 1.75
C VAL A 49 -12.27 5.61 1.77
N LYS A 50 -12.51 4.51 1.04
CA LYS A 50 -13.83 3.84 1.03
C LYS A 50 -14.29 3.53 2.46
N ARG A 51 -13.37 2.97 3.24
CA ARG A 51 -13.67 2.54 4.58
C ARG A 51 -13.91 3.73 5.49
N LEU A 52 -13.12 4.78 5.34
CA LEU A 52 -13.31 6.02 6.12
C LEU A 52 -14.71 6.59 5.88
N LEU A 53 -15.11 6.65 4.63
CA LEU A 53 -16.45 7.09 4.27
C LEU A 53 -17.53 6.18 4.92
N GLU A 54 -17.35 4.85 4.85
CA GLU A 54 -18.23 3.90 5.58
C GLU A 54 -18.34 4.17 7.07
N LEU A 55 -17.25 4.66 7.66
CA LEU A 55 -17.22 4.93 9.09
C LEU A 55 -17.79 6.30 9.45
N GLY A 56 -18.15 7.10 8.44
CA GLY A 56 -18.86 8.35 8.69
C GLY A 56 -17.96 9.52 8.99
N VAL A 57 -16.76 9.54 8.42
CA VAL A 57 -15.89 10.73 8.55
C VAL A 57 -16.59 11.95 7.95
N ASN A 58 -16.19 13.12 8.41
CA ASN A 58 -16.76 14.35 7.92
C ASN A 58 -16.17 14.74 6.56
N GLN A 59 -14.87 14.66 6.45
CA GLN A 59 -14.18 14.99 5.20
C GLN A 59 -12.98 14.13 5.03
N VAL A 60 -12.70 13.76 3.77
CA VAL A 60 -11.41 13.16 3.38
C VAL A 60 -10.72 14.07 2.35
N HIS A 61 -9.52 14.57 2.70
CA HIS A 61 -8.68 15.29 1.75
C HIS A 61 -7.65 14.31 1.15
N VAL A 62 -7.90 13.88 -0.08
CA VAL A 62 -6.94 13.06 -0.84
C VAL A 62 -5.91 13.99 -1.51
N VAL A 63 -4.64 13.73 -1.19
CA VAL A 63 -3.53 14.40 -1.90
C VAL A 63 -2.76 13.34 -2.67
N ASP A 64 -2.76 13.47 -3.99
CA ASP A 64 -2.19 12.43 -4.84
C ASP A 64 -1.86 13.02 -6.21
N ASN A 65 -0.61 12.82 -6.64
CA ASN A 65 -0.17 13.32 -7.93
C ASN A 65 -0.49 12.35 -9.08
N LEU A 66 -1.11 11.21 -8.76
CA LEU A 66 -1.45 10.14 -9.72
C LEU A 66 -0.25 9.52 -10.44
N LEU A 67 0.90 9.54 -9.80
CA LEU A 67 2.12 9.01 -10.39
C LEU A 67 2.01 7.48 -10.61
N SER A 68 1.35 6.78 -9.69
CA SER A 68 1.10 5.34 -9.80
C SER A 68 -0.36 4.96 -9.51
N ALA A 69 -1.28 5.84 -9.89
CA ALA A 69 -2.70 5.72 -9.56
C ALA A 69 -3.56 6.27 -10.72
N GLU A 70 -4.84 5.87 -10.74
CA GLU A 70 -5.84 6.33 -11.69
C GLU A 70 -6.88 7.16 -10.95
N LYS A 71 -7.35 8.21 -11.62
CA LYS A 71 -8.36 9.12 -11.06
C LYS A 71 -9.63 8.37 -10.70
N ILE A 72 -9.96 7.32 -11.46
CA ILE A 72 -11.19 6.53 -11.16
C ILE A 72 -11.17 5.85 -9.80
N ASN A 73 -9.98 5.70 -9.22
CA ASN A 73 -9.86 5.20 -7.84
C ASN A 73 -10.12 6.23 -6.73
N VAL A 74 -10.34 7.49 -7.10
CA VAL A 74 -10.80 8.45 -6.10
C VAL A 74 -12.34 8.36 -6.17
N PRO A 75 -13.08 8.75 -5.11
CA PRO A 75 -14.52 8.89 -5.29
C PRO A 75 -15.03 10.30 -5.64
N ASP A 76 -16.14 10.31 -6.38
CA ASP A 76 -16.88 11.53 -6.79
C ASP A 76 -17.75 12.11 -5.66
N HIS A 77 -17.23 12.05 -4.43
CA HIS A 77 -18.02 12.16 -3.20
C HIS A 77 -18.08 13.60 -2.68
N PRO A 78 -19.21 13.99 -2.11
CA PRO A 78 -19.23 15.32 -1.51
C PRO A 78 -18.26 15.47 -0.32
N ALA A 79 -17.91 14.36 0.34
CA ALA A 79 -17.00 14.37 1.50
C ALA A 79 -15.51 14.31 1.14
N VAL A 80 -15.22 13.88 -0.09
CA VAL A 80 -13.88 13.76 -0.62
C VAL A 80 -13.45 15.04 -1.37
N ARG A 81 -12.41 15.68 -0.87
CA ARG A 81 -11.70 16.77 -1.56
C ARG A 81 -10.41 16.17 -2.15
N PHE A 82 -10.20 16.35 -3.46
CA PHE A 82 -9.02 15.80 -4.14
C PHE A 82 -8.09 16.92 -4.64
N SER A 83 -6.87 16.95 -4.09
CA SER A 83 -5.77 17.78 -4.58
C SER A 83 -4.84 16.96 -5.47
N GLU A 84 -4.94 17.15 -6.79
CA GLU A 84 -4.06 16.45 -7.75
C GLU A 84 -2.67 17.14 -7.83
N THR A 85 -1.89 16.89 -6.81
CA THR A 85 -0.64 17.60 -6.55
C THR A 85 0.26 16.71 -5.70
N SER A 86 1.58 16.83 -5.89
CA SER A 86 2.54 16.20 -4.99
C SER A 86 2.43 16.80 -3.58
N ILE A 87 2.54 15.96 -2.56
CA ILE A 87 2.68 16.42 -1.18
C ILE A 87 3.99 17.19 -0.90
N THR A 88 4.96 17.08 -1.80
CA THR A 88 6.17 17.92 -1.74
C THR A 88 6.00 19.35 -2.32
N ASP A 89 4.83 19.67 -2.86
CA ASP A 89 4.63 21.00 -3.44
C ASP A 89 4.59 22.06 -2.33
N ASP A 90 5.51 23.02 -2.38
CA ASP A 90 5.56 24.07 -1.36
C ASP A 90 4.27 24.89 -1.19
N ALA A 91 3.63 25.27 -2.29
CA ALA A 91 2.38 26.05 -2.18
C ALA A 91 1.31 25.25 -1.45
N LEU A 92 1.15 23.99 -1.84
CA LEU A 92 0.13 23.11 -1.25
C LEU A 92 0.38 22.99 0.26
N LEU A 93 1.63 22.69 0.63
CA LEU A 93 2.02 22.56 2.02
C LEU A 93 1.68 23.83 2.82
N ALA A 94 2.00 25.01 2.25
CA ALA A 94 1.83 26.27 2.97
C ALA A 94 0.35 26.59 3.10
N SER A 95 -0.45 26.05 2.17
CA SER A 95 -1.90 26.22 2.15
C SER A 95 -2.62 25.40 3.20
N LEU A 96 -1.95 24.36 3.72
CA LEU A 96 -2.59 23.43 4.63
C LEU A 96 -2.95 24.11 5.93
N GLN A 97 -4.15 23.78 6.43
CA GLN A 97 -4.67 24.35 7.67
CA GLN A 97 -4.65 24.36 7.68
C GLN A 97 -4.74 23.27 8.76
N ASP A 98 -4.73 23.71 10.03
CA ASP A 98 -4.78 22.83 11.19
C ASP A 98 -6.26 22.43 11.38
N GLU A 99 -6.78 21.67 10.41
CA GLU A 99 -8.18 21.26 10.40
C GLU A 99 -8.35 19.74 10.25
N TYR A 100 -7.29 19.01 10.53
CA TYR A 100 -7.30 17.55 10.40
C TYR A 100 -7.13 16.90 11.78
N ASP A 101 -7.97 15.91 12.03
CA ASP A 101 -7.85 15.03 13.18
C ASP A 101 -6.85 13.90 12.96
N TYR A 102 -6.84 13.39 11.73
CA TYR A 102 -5.99 12.25 11.33
C TYR A 102 -5.36 12.49 9.99
N VAL A 103 -4.12 12.01 9.85
CA VAL A 103 -3.38 12.02 8.59
C VAL A 103 -2.85 10.59 8.39
N PHE A 104 -3.16 10.04 7.23
CA PHE A 104 -2.60 8.79 6.70
C PHE A 104 -1.64 9.12 5.56
N HIS A 105 -0.38 8.80 5.78
CA HIS A 105 0.65 9.04 4.79
C HIS A 105 1.02 7.74 4.09
N LEU A 106 0.42 7.55 2.92
CA LEU A 106 0.54 6.31 2.15
C LEU A 106 1.30 6.50 0.83
N ALA A 107 1.83 7.69 0.57
CA ALA A 107 2.45 7.95 -0.74
C ALA A 107 3.78 7.17 -0.82
N THR A 108 4.14 6.77 -2.02
CA THR A 108 5.42 6.08 -2.27
C THR A 108 5.72 6.15 -3.76
N TYR A 109 6.92 5.73 -4.13
CA TYR A 109 7.32 5.61 -5.49
C TYR A 109 7.25 4.12 -5.83
N HIS A 110 6.24 3.74 -6.59
CA HIS A 110 5.92 2.31 -6.78
C HIS A 110 6.79 1.70 -7.88
N GLY A 111 7.64 0.71 -7.60
CA GLY A 111 8.01 0.21 -6.27
C GLY A 111 9.51 -0.10 -6.28
N ASN A 112 9.89 -1.30 -5.86
CA ASN A 112 11.32 -1.66 -5.83
C ASN A 112 12.04 -1.47 -7.15
N GLN A 113 11.50 -2.08 -8.21
CA GLN A 113 12.13 -2.08 -9.53
C GLN A 113 12.22 -0.65 -10.07
N SER A 114 11.15 0.12 -9.92
CA SER A 114 11.15 1.50 -10.41
C SER A 114 12.23 2.32 -9.72
N SER A 115 12.36 2.11 -8.40
CA SER A 115 13.29 2.90 -7.55
C SER A 115 14.74 2.66 -7.95
N ILE A 116 15.06 1.42 -8.25
CA ILE A 116 16.38 1.01 -8.75
C ILE A 116 16.68 1.67 -10.09
N HIS A 117 15.70 1.71 -10.98
CA HIS A 117 15.81 2.38 -12.27
C HIS A 117 16.14 3.87 -12.14
N ASP A 118 15.47 4.55 -11.19
CA ASP A 118 15.65 6.00 -10.97
C ASP A 118 15.53 6.33 -9.48
N PRO A 119 16.66 6.23 -8.76
CA PRO A 119 16.68 6.56 -7.35
C PRO A 119 16.28 8.02 -7.05
N LEU A 120 16.45 8.95 -8.00
CA LEU A 120 16.07 10.36 -7.75
C LEU A 120 14.56 10.58 -7.82
N ALA A 121 13.91 9.89 -8.74
CA ALA A 121 12.45 9.86 -8.84
C ALA A 121 11.90 9.21 -7.57
N ASP A 122 12.56 8.17 -7.06
CA ASP A 122 12.15 7.58 -5.81
C ASP A 122 12.31 8.55 -4.64
N HIS A 123 13.44 9.24 -4.59
CA HIS A 123 13.70 10.11 -3.46
C HIS A 123 12.62 11.18 -3.34
N GLU A 124 12.36 11.87 -4.45
CA GLU A 124 11.30 12.90 -4.49
C GLU A 124 9.94 12.39 -4.01
N ASN A 125 9.58 11.17 -4.39
CA ASN A 125 8.24 10.67 -4.17
C ASN A 125 8.14 9.65 -3.05
N ASN A 126 9.23 9.48 -2.31
CA ASN A 126 9.30 8.43 -1.27
C ASN A 126 10.02 8.84 0.01
N THR A 127 11.04 9.68 -0.10
CA THR A 127 11.79 10.16 1.07
C THR A 127 11.37 11.59 1.42
N LEU A 128 11.47 12.48 0.43
CA LEU A 128 11.18 13.89 0.66
C LEU A 128 9.71 14.13 1.00
N THR A 129 8.84 13.29 0.45
CA THR A 129 7.41 13.34 0.78
C THR A 129 7.17 13.36 2.30
N THR A 130 7.74 12.37 2.97
CA THR A 130 7.56 12.20 4.40
C THR A 130 8.14 13.38 5.18
N LEU A 131 9.35 13.78 4.83
CA LEU A 131 10.02 14.88 5.50
C LEU A 131 9.24 16.21 5.37
N LYS A 132 8.84 16.57 4.15
CA LYS A 132 8.12 17.83 3.96
C LYS A 132 6.72 17.83 4.61
N LEU A 133 6.04 16.70 4.54
CA LEU A 133 4.76 16.54 5.22
C LEU A 133 4.87 16.77 6.73
N TYR A 134 5.83 16.07 7.36
CA TYR A 134 6.00 16.14 8.82
C TYR A 134 6.44 17.53 9.27
N GLU A 135 7.32 18.13 8.47
CA GLU A 135 7.80 19.47 8.75
C GLU A 135 6.64 20.46 8.79
N ARG A 136 5.69 20.29 7.87
CA ARG A 136 4.50 21.13 7.86
C ARG A 136 3.56 20.80 9.02
N LEU A 137 3.36 19.50 9.28
CA LEU A 137 2.39 19.07 10.30
C LEU A 137 2.85 19.30 11.73
N LYS A 138 4.14 19.55 11.94
CA LYS A 138 4.75 19.55 13.28
C LYS A 138 4.16 20.53 14.30
N HIS A 139 3.58 21.64 13.86
CA HIS A 139 2.97 22.57 14.82
C HIS A 139 1.41 22.54 14.81
N PHE A 140 0.83 21.59 14.09
CA PHE A 140 -0.60 21.41 14.09
C PHE A 140 -1.04 20.76 15.41
N LYS A 141 -2.11 21.29 15.98
CA LYS A 141 -2.59 20.90 17.29
C LYS A 141 -3.86 20.07 17.27
N ARG A 142 -4.61 20.11 16.17
CA ARG A 142 -5.83 19.30 16.06
C ARG A 142 -5.53 17.81 15.80
N LEU A 143 -4.33 17.52 15.30
CA LEU A 143 -3.90 16.14 14.96
C LEU A 143 -3.88 15.25 16.15
N LYS A 144 -4.63 14.16 16.05
CA LYS A 144 -4.63 13.11 17.08
C LYS A 144 -3.62 12.01 16.68
N LYS A 145 -3.50 11.70 15.39
CA LYS A 145 -2.59 10.63 14.94
C LYS A 145 -2.20 10.85 13.51
N VAL A 146 -0.94 10.53 13.22
CA VAL A 146 -0.39 10.54 11.89
C VAL A 146 0.15 9.12 11.62
N VAL A 147 -0.46 8.42 10.68
CA VAL A 147 -0.16 7.02 10.45
C VAL A 147 0.64 6.87 9.16
N TYR A 148 1.83 6.29 9.27
CA TYR A 148 2.75 6.11 8.15
C TYR A 148 2.82 4.62 7.73
N SER A 149 2.56 4.35 6.45
CA SER A 149 2.67 2.99 5.93
C SER A 149 4.15 2.67 5.68
N ALA A 150 4.66 1.77 6.53
CA ALA A 150 6.04 1.35 6.48
C ALA A 150 6.13 0.00 5.80
N ALA A 151 7.33 -0.42 5.48
CA ALA A 151 7.53 -1.74 4.89
C ALA A 151 7.75 -2.78 6.01
N GLY A 152 7.12 -3.94 5.86
CA GLY A 152 7.23 -5.05 6.82
C GLY A 152 8.59 -5.71 6.76
N GLU A 167 8.69 -9.47 18.68
CA GLU A 167 7.81 -8.44 18.18
C GLU A 167 8.57 -7.37 17.35
N GLU A 168 7.81 -6.39 16.90
CA GLU A 168 8.30 -5.16 16.27
C GLU A 168 9.58 -4.64 16.94
N THR A 169 10.65 -4.50 16.16
CA THR A 169 11.90 -3.97 16.67
C THR A 169 12.22 -2.68 15.93
N ASP A 170 13.02 -1.82 16.54
CA ASP A 170 13.41 -0.56 15.91
C ASP A 170 14.90 -0.49 15.63
N ILE A 171 15.48 -1.66 15.37
CA ILE A 171 16.88 -1.80 14.99
C ILE A 171 16.86 -2.24 13.53
N VAL A 172 17.72 -1.65 12.71
CA VAL A 172 17.78 -1.94 11.25
C VAL A 172 19.24 -2.13 10.80
N SER A 173 19.48 -2.96 9.77
CA SER A 173 20.82 -3.10 9.18
C SER A 173 21.00 -2.19 7.96
N LEU A 174 22.23 -1.69 7.80
CA LEU A 174 22.57 -0.94 6.60
C LEU A 174 22.54 -1.80 5.34
N HIS A 175 22.55 -3.13 5.54
CA HIS A 175 22.72 -4.15 4.50
C HIS A 175 21.44 -4.85 4.01
N ASN A 176 20.34 -4.68 4.72
CA ASN A 176 19.03 -5.13 4.21
C ASN A 176 18.85 -4.64 2.75
N ASN A 177 17.87 -3.77 2.52
CA ASN A 177 17.96 -2.69 1.54
C ASN A 177 18.33 -3.04 0.09
N ASP A 178 17.45 -3.82 -0.55
CA ASP A 178 17.64 -4.21 -1.95
C ASP A 178 17.41 -3.06 -2.95
N SER A 179 16.84 -1.95 -2.51
CA SER A 179 16.45 -0.89 -3.43
C SER A 179 16.37 0.45 -2.72
N PRO A 180 16.39 1.53 -3.52
CA PRO A 180 16.10 2.84 -2.95
C PRO A 180 14.72 2.95 -2.30
N TYR A 181 13.76 2.22 -2.86
CA TYR A 181 12.45 2.10 -2.26
C TYR A 181 12.56 1.63 -0.81
N SER A 182 13.30 0.53 -0.58
CA SER A 182 13.38 -0.05 0.76
CA SER A 182 13.38 -0.04 0.75
C SER A 182 14.04 0.95 1.70
N MET A 183 15.07 1.66 1.22
CA MET A 183 15.71 2.68 2.02
C MET A 183 14.77 3.84 2.35
N SER A 184 14.03 4.34 1.36
CA SER A 184 13.02 5.40 1.59
C SER A 184 11.99 5.01 2.64
N LYS A 185 11.54 3.76 2.61
CA LYS A 185 10.57 3.29 3.62
C LYS A 185 11.14 3.39 5.02
N ILE A 186 12.38 2.95 5.18
CA ILE A 186 13.06 2.97 6.47
C ILE A 186 13.30 4.42 6.90
N PHE A 187 13.68 5.29 5.96
CA PHE A 187 13.96 6.68 6.27
C PHE A 187 12.70 7.35 6.85
N GLY A 188 11.56 6.98 6.30
CA GLY A 188 10.28 7.44 6.81
C GLY A 188 10.03 7.03 8.25
N GLU A 189 10.46 5.83 8.64
CA GLU A 189 10.40 5.43 10.04
C GLU A 189 11.32 6.28 10.93
N PHE A 190 12.56 6.49 10.51
CA PHE A 190 13.48 7.42 11.20
C PHE A 190 12.80 8.78 11.42
N TYR A 191 12.22 9.33 10.36
CA TYR A 191 11.50 10.63 10.45
C TYR A 191 10.31 10.57 11.42
N SER A 192 9.55 9.49 11.36
CA SER A 192 8.39 9.30 12.21
C SER A 192 8.80 9.29 13.69
N VAL A 193 9.92 8.64 14.01
CA VAL A 193 10.42 8.61 15.40
C VAL A 193 10.96 10.01 15.81
N TYR A 194 11.77 10.61 14.94
CA TYR A 194 12.32 11.94 15.24
C TYR A 194 11.22 13.00 15.53
N TYR A 195 10.25 13.09 14.62
CA TYR A 195 9.22 14.14 14.70
C TYR A 195 8.34 13.94 15.92
N HIS A 196 8.13 12.69 16.33
CA HIS A 196 7.47 12.39 17.59
C HIS A 196 8.29 12.89 18.81
N LYS A 197 9.56 12.54 18.83
CA LYS A 197 10.42 12.85 19.99
C LYS A 197 10.65 14.37 20.13
N GLN A 198 10.93 15.00 18.99
CA GLN A 198 11.33 16.37 18.97
C GLN A 198 10.13 17.32 19.03
N HIS A 199 9.07 16.96 18.34
CA HIS A 199 7.92 17.89 18.18
C HIS A 199 6.57 17.32 18.62
N GLN A 200 6.59 16.13 19.23
CA GLN A 200 5.37 15.46 19.68
C GLN A 200 4.37 15.21 18.55
N LEU A 201 4.84 15.17 17.31
CA LEU A 201 4.01 14.71 16.20
C LEU A 201 3.54 13.26 16.48
N PRO A 202 2.19 13.05 16.51
CA PRO A 202 1.67 11.76 17.05
C PRO A 202 1.72 10.62 16.03
N THR A 203 2.93 10.25 15.66
CA THR A 203 3.14 9.27 14.60
C THR A 203 2.95 7.82 15.06
N VAL A 204 2.38 7.03 14.16
CA VAL A 204 2.31 5.58 14.29
C VAL A 204 2.78 4.94 12.94
N ARG A 205 3.77 4.05 13.02
CA ARG A 205 4.30 3.36 11.85
C ARG A 205 3.56 2.02 11.76
N ALA A 206 2.95 1.79 10.63
CA ALA A 206 2.20 0.57 10.36
C ALA A 206 2.99 -0.21 9.33
N ARG A 207 3.59 -1.32 9.73
CA ARG A 207 4.41 -2.14 8.84
C ARG A 207 3.57 -3.26 8.25
N PHE A 208 3.47 -3.28 6.93
CA PHE A 208 2.81 -4.40 6.34
C PHE A 208 3.58 -4.94 5.17
N GLN A 209 3.10 -6.03 4.60
CA GLN A 209 3.63 -6.42 3.29
C GLN A 209 2.69 -7.35 2.57
N ASN A 210 2.91 -7.47 1.27
CA ASN A 210 2.11 -8.36 0.43
C ASN A 210 0.60 -8.18 0.54
N VAL A 211 0.19 -6.93 0.43
CA VAL A 211 -1.22 -6.57 0.30
C VAL A 211 -1.71 -6.93 -1.11
N TYR A 212 -2.97 -7.37 -1.17
CA TYR A 212 -3.62 -7.68 -2.41
C TYR A 212 -5.12 -7.38 -2.21
N GLY A 213 -5.80 -7.16 -3.32
CA GLY A 213 -7.23 -7.00 -3.29
C GLY A 213 -7.76 -6.13 -4.43
N PRO A 214 -9.07 -5.85 -4.40
CA PRO A 214 -9.69 -4.87 -5.28
C PRO A 214 -9.01 -3.52 -5.23
N GLY A 215 -8.93 -2.88 -6.39
CA GLY A 215 -8.44 -1.52 -6.51
C GLY A 215 -6.97 -1.43 -6.90
N GLU A 216 -6.27 -2.56 -7.00
CA GLU A 216 -4.91 -2.56 -7.52
C GLU A 216 -5.03 -2.82 -9.01
N ILE A 217 -4.69 -1.79 -9.80
CA ILE A 217 -4.85 -1.81 -11.23
C ILE A 217 -3.50 -1.93 -11.90
N LEU A 218 -3.33 -3.00 -12.67
CA LEU A 218 -2.13 -3.16 -13.49
C LEU A 218 -2.01 -1.96 -14.44
N GLY A 219 -0.80 -1.43 -14.50
CA GLY A 219 -0.48 -0.26 -15.29
C GLY A 219 -0.95 1.08 -14.77
N ALA A 220 -1.49 1.12 -13.55
CA ALA A 220 -1.93 2.40 -12.97
C ALA A 220 -0.84 3.49 -12.99
N GLY A 221 -1.22 4.67 -13.47
CA GLY A 221 -0.40 5.85 -13.45
C GLY A 221 0.52 5.96 -14.64
N ARG A 222 1.62 6.64 -14.41
CA ARG A 222 2.62 6.94 -15.43
C ARG A 222 3.65 5.81 -15.52
N TRP A 223 4.37 5.74 -16.63
CA TRP A 223 5.49 4.82 -16.80
C TRP A 223 6.60 5.25 -15.84
N ARG A 224 7.04 4.32 -14.99
CA ARG A 224 8.05 4.59 -13.99
C ARG A 224 9.35 3.86 -14.31
N GLY A 225 9.51 3.53 -15.60
CA GLY A 225 10.79 3.09 -16.15
C GLY A 225 10.90 1.61 -16.52
N THR A 226 10.10 0.75 -15.88
CA THR A 226 10.24 -0.68 -16.08
C THR A 226 8.89 -1.38 -16.24
N PRO A 227 8.91 -2.64 -16.73
CA PRO A 227 7.70 -3.41 -16.90
C PRO A 227 6.86 -3.62 -15.62
N ALA A 228 7.45 -3.42 -14.43
CA ALA A 228 6.75 -3.49 -13.16
C ALA A 228 5.67 -2.41 -13.03
N THR A 229 5.75 -1.36 -13.86
CA THR A 229 4.67 -0.37 -13.96
C THR A 229 3.37 -1.05 -14.34
N VAL A 230 3.44 -1.99 -15.29
CA VAL A 230 2.30 -2.82 -15.64
C VAL A 230 2.10 -3.98 -14.65
N TRP A 231 3.11 -4.84 -14.56
CA TRP A 231 3.09 -6.05 -13.78
C TRP A 231 3.56 -5.73 -12.37
N ARG A 232 2.64 -5.15 -11.60
CA ARG A 232 2.98 -4.47 -10.36
C ARG A 232 3.35 -5.43 -9.27
N ASN A 233 2.62 -6.53 -9.19
CA ASN A 233 2.73 -7.46 -8.10
C ASN A 233 2.24 -8.84 -8.54
N VAL A 234 2.72 -9.89 -7.89
CA VAL A 234 2.37 -11.25 -8.31
C VAL A 234 0.85 -11.55 -8.34
N THR A 235 0.08 -11.06 -7.36
CA THR A 235 -1.34 -11.43 -7.28
C THR A 235 -2.18 -10.84 -8.43
N PRO A 236 -2.15 -9.51 -8.67
CA PRO A 236 -2.90 -9.02 -9.83
C PRO A 236 -2.39 -9.53 -11.19
N THR A 237 -1.07 -9.74 -11.30
CA THR A 237 -0.49 -10.35 -12.52
C THR A 237 -1.07 -11.76 -12.76
N PHE A 238 -1.07 -12.57 -11.72
CA PHE A 238 -1.63 -13.91 -11.78
C PHE A 238 -3.13 -13.88 -12.07
N ILE A 239 -3.85 -12.97 -11.45
CA ILE A 239 -5.31 -12.90 -11.67
C ILE A 239 -5.61 -12.48 -13.11
N TYR A 240 -4.92 -11.44 -13.57
CA TYR A 240 -5.11 -10.98 -14.95
C TYR A 240 -4.85 -12.14 -15.95
N LYS A 241 -3.67 -12.75 -15.84
CA LYS A 241 -3.30 -13.84 -16.75
C LYS A 241 -4.26 -15.06 -16.69
N ALA A 242 -4.66 -15.46 -15.48
CA ALA A 242 -5.66 -16.53 -15.30
C ALA A 242 -6.99 -16.19 -15.99
N LEU A 243 -7.51 -14.98 -15.76
CA LEU A 243 -8.72 -14.50 -16.45
C LEU A 243 -8.62 -14.49 -17.99
N LYS A 244 -7.42 -14.27 -18.52
CA LYS A 244 -7.13 -14.36 -19.95
C LYS A 244 -6.85 -15.81 -20.40
N GLY A 245 -6.88 -16.75 -19.46
CA GLY A 245 -6.67 -18.16 -19.77
C GLY A 245 -5.23 -18.53 -20.10
N MET A 246 -4.26 -17.78 -19.58
CA MET A 246 -2.88 -18.10 -19.91
C MET A 246 -2.10 -18.71 -18.74
N PRO A 247 -1.02 -19.45 -19.05
CA PRO A 247 -0.24 -20.10 -17.99
C PRO A 247 0.37 -19.09 -17.03
N LEU A 248 0.21 -19.32 -15.74
CA LEU A 248 0.81 -18.45 -14.75
C LEU A 248 2.30 -18.74 -14.67
N PRO A 249 3.14 -17.72 -14.90
CA PRO A 249 4.58 -17.95 -14.83
C PRO A 249 5.07 -18.05 -13.38
N LEU A 250 5.49 -19.25 -12.96
CA LEU A 250 6.08 -19.46 -11.62
C LEU A 250 7.59 -19.34 -11.69
N GLU A 251 8.17 -18.61 -10.75
CA GLU A 251 9.62 -18.50 -10.62
C GLU A 251 10.08 -19.59 -9.66
N ASN A 252 10.97 -20.45 -10.15
CA ASN A 252 11.54 -21.53 -9.35
C ASN A 252 10.51 -22.46 -8.70
N GLY A 253 9.48 -22.82 -9.46
CA GLY A 253 8.47 -23.75 -8.98
C GLY A 253 7.50 -23.15 -7.98
N GLY A 254 7.60 -21.84 -7.76
CA GLY A 254 6.74 -21.13 -6.82
C GLY A 254 7.00 -21.49 -5.37
N VAL A 255 8.27 -21.73 -5.04
CA VAL A 255 8.64 -22.18 -3.67
C VAL A 255 8.67 -21.05 -2.65
N ALA A 256 8.78 -19.81 -3.12
CA ALA A 256 8.79 -18.64 -2.22
C ALA A 256 7.44 -18.53 -1.52
N THR A 257 7.47 -18.24 -0.21
CA THR A 257 6.25 -18.00 0.57
C THR A 257 6.19 -16.54 0.99
N ARG A 258 4.96 -16.09 1.16
CA ARG A 258 4.70 -14.73 1.60
C ARG A 258 3.49 -14.71 2.51
N ASP A 259 3.44 -13.71 3.39
CA ASP A 259 2.27 -13.48 4.21
CA ASP A 259 2.28 -13.46 4.22
C ASP A 259 1.42 -12.44 3.48
N PHE A 260 0.53 -12.94 2.66
CA PHE A 260 -0.44 -12.07 2.00
C PHE A 260 -1.49 -11.57 3.00
N ILE A 261 -1.89 -10.32 2.83
CA ILE A 261 -2.94 -9.69 3.64
C ILE A 261 -3.91 -8.93 2.72
N PHE A 262 -5.20 -9.15 2.94
CA PHE A 262 -6.25 -8.54 2.13
C PHE A 262 -6.30 -7.05 2.43
N VAL A 263 -6.49 -6.26 1.39
CA VAL A 263 -6.44 -4.81 1.49
C VAL A 263 -7.48 -4.24 2.48
N GLU A 264 -8.69 -4.78 2.56
CA GLU A 264 -9.67 -4.30 3.54
C GLU A 264 -9.24 -4.54 5.02
N ASP A 265 -8.46 -5.59 5.26
CA ASP A 265 -7.85 -5.82 6.57
C ASP A 265 -6.78 -4.77 6.82
N VAL A 266 -6.02 -4.43 5.79
CA VAL A 266 -4.97 -3.41 5.88
C VAL A 266 -5.62 -2.07 6.18
N ALA A 267 -6.70 -1.71 5.47
CA ALA A 267 -7.43 -0.47 5.76
C ALA A 267 -7.90 -0.38 7.25
N ASN A 268 -8.50 -1.47 7.73
CA ASN A 268 -8.91 -1.56 9.14
C ASN A 268 -7.75 -1.49 10.13
N GLY A 269 -6.64 -2.10 9.77
CA GLY A 269 -5.43 -2.00 10.57
C GLY A 269 -4.89 -0.59 10.64
N LEU A 270 -4.89 0.13 9.51
CA LEU A 270 -4.46 1.54 9.49
C LEU A 270 -5.37 2.40 10.37
N ILE A 271 -6.66 2.15 10.27
CA ILE A 271 -7.66 2.83 11.13
C ILE A 271 -7.45 2.52 12.63
N ALA A 272 -7.15 1.26 12.96
CA ALA A 272 -6.84 0.88 14.37
C ALA A 272 -5.59 1.65 14.87
N CYS A 273 -4.56 1.73 14.05
CA CYS A 273 -3.37 2.52 14.37
C CYS A 273 -3.73 3.99 14.65
N ALA A 274 -4.58 4.55 13.79
CA ALA A 274 -5.01 5.93 13.95
C ALA A 274 -5.77 6.14 15.26
N ALA A 275 -6.77 5.31 15.49
CA ALA A 275 -7.63 5.40 16.67
C ALA A 275 -6.84 5.19 17.98
N ASP A 276 -6.07 4.09 18.03
CA ASP A 276 -5.56 3.59 19.30
C ASP A 276 -4.06 3.35 19.38
N GLY A 277 -3.32 3.54 18.30
CA GLY A 277 -1.89 3.32 18.30
C GLY A 277 -1.16 4.34 19.15
N THR A 278 -0.14 3.87 19.87
CA THR A 278 0.72 4.70 20.70
C THR A 278 1.58 5.64 19.86
N PRO A 279 1.46 6.96 20.10
CA PRO A 279 2.35 7.89 19.41
C PRO A 279 3.83 7.48 19.64
N GLY A 280 4.59 7.52 18.55
CA GLY A 280 5.98 7.09 18.50
C GLY A 280 6.16 5.61 18.21
N GLY A 281 5.04 4.88 18.15
CA GLY A 281 5.05 3.43 18.11
C GLY A 281 4.98 2.83 16.72
N VAL A 282 5.11 1.50 16.71
CA VAL A 282 5.09 0.69 15.48
C VAL A 282 4.29 -0.60 15.69
N TYR A 283 3.54 -0.98 14.67
CA TYR A 283 2.73 -2.18 14.69
C TYR A 283 2.86 -2.87 13.34
N ASN A 284 3.07 -4.16 13.37
CA ASN A 284 2.88 -5.02 12.21
C ASN A 284 1.39 -5.18 11.97
N ILE A 285 1.02 -4.97 10.71
CA ILE A 285 -0.32 -5.22 10.20
C ILE A 285 -0.17 -6.41 9.24
N ALA A 286 -0.51 -7.60 9.73
CA ALA A 286 -0.09 -8.85 9.10
C ALA A 286 -1.13 -9.94 9.32
N SER A 287 -1.20 -10.91 8.42
CA SER A 287 -2.11 -12.05 8.59
C SER A 287 -1.52 -13.14 9.49
N GLY A 288 -0.21 -13.15 9.65
CA GLY A 288 0.44 -14.25 10.33
C GLY A 288 0.35 -15.61 9.63
N LYS A 289 -0.07 -15.63 8.37
CA LYS A 289 -0.14 -16.87 7.60
C LYS A 289 0.58 -16.76 6.28
N GLU A 290 1.43 -17.75 5.99
CA GLU A 290 2.20 -17.77 4.76
C GLU A 290 1.59 -18.69 3.69
N THR A 291 1.63 -18.23 2.44
CA THR A 291 1.17 -18.98 1.28
C THR A 291 2.28 -19.02 0.25
N SER A 292 2.51 -20.18 -0.34
CA SER A 292 3.51 -20.31 -1.38
C SER A 292 2.94 -19.73 -2.66
N ILE A 293 3.82 -19.23 -3.51
CA ILE A 293 3.38 -18.69 -4.82
C ILE A 293 2.76 -19.82 -5.65
N ALA A 294 3.26 -21.04 -5.49
CA ALA A 294 2.63 -22.20 -6.15
C ALA A 294 1.17 -22.32 -5.73
N ASP A 295 0.90 -22.19 -4.42
CA ASP A 295 -0.48 -22.31 -3.91
C ASP A 295 -1.35 -21.13 -4.29
N LEU A 296 -0.77 -19.94 -4.27
CA LEU A 296 -1.41 -18.72 -4.77
C LEU A 296 -1.92 -18.98 -6.19
N ALA A 297 -1.01 -19.41 -7.07
CA ALA A 297 -1.33 -19.73 -8.46
C ALA A 297 -2.40 -20.80 -8.58
N THR A 298 -2.23 -21.88 -7.82
CA THR A 298 -3.18 -22.97 -7.78
C THR A 298 -4.58 -22.47 -7.45
N LYS A 299 -4.70 -21.64 -6.41
CA LYS A 299 -6.00 -21.09 -6.00
C LYS A 299 -6.63 -20.17 -7.06
N ILE A 300 -5.82 -19.29 -7.65
CA ILE A 300 -6.29 -18.36 -8.67
C ILE A 300 -6.82 -19.13 -9.89
N ASN A 301 -6.11 -20.21 -10.26
CA ASN A 301 -6.55 -21.09 -11.34
C ASN A 301 -7.87 -21.81 -10.98
N GLU A 302 -7.96 -22.36 -9.77
CA GLU A 302 -9.21 -23.01 -9.32
C GLU A 302 -10.38 -22.03 -9.36
N ILE A 303 -10.21 -20.84 -8.81
CA ILE A 303 -11.29 -19.84 -8.79
C ILE A 303 -11.66 -19.35 -10.20
N THR A 304 -10.67 -19.03 -11.02
CA THR A 304 -10.96 -18.50 -12.37
C THR A 304 -11.40 -19.55 -13.39
N GLY A 305 -10.99 -20.80 -13.19
CA GLY A 305 -11.19 -21.87 -14.18
C GLY A 305 -10.09 -21.91 -15.24
N ASN A 306 -8.89 -21.44 -14.88
CA ASN A 306 -7.77 -21.44 -15.82
C ASN A 306 -7.13 -22.81 -15.93
N ASN A 307 -7.36 -23.48 -17.07
CA ASN A 307 -7.06 -24.89 -17.27
C ASN A 307 -5.61 -25.22 -17.63
N THR A 308 -4.73 -24.22 -17.54
CA THR A 308 -3.38 -24.34 -18.05
C THR A 308 -2.39 -24.86 -17.00
N GLU A 309 -1.26 -25.37 -17.48
CA GLU A 309 -0.27 -26.05 -16.64
C GLU A 309 0.39 -25.09 -15.63
N LEU A 310 0.85 -25.65 -14.51
CA LEU A 310 1.69 -24.91 -13.52
C LEU A 310 2.96 -25.70 -13.25
N ASP A 311 4.12 -25.12 -13.57
CA ASP A 311 5.41 -25.74 -13.28
C ASP A 311 5.79 -25.44 -11.82
N ARG A 312 5.25 -26.22 -10.88
CA ARG A 312 5.53 -26.01 -9.46
C ARG A 312 6.47 -27.08 -8.91
N LEU A 313 7.29 -26.70 -7.94
CA LEU A 313 8.29 -27.58 -7.35
C LEU A 313 7.99 -27.67 -5.87
N PRO A 314 8.43 -28.75 -5.20
CA PRO A 314 8.23 -28.79 -3.75
C PRO A 314 9.12 -27.77 -3.01
N LYS A 315 8.59 -27.15 -1.95
CA LYS A 315 9.37 -26.22 -1.18
C LYS A 315 10.35 -26.97 -0.25
N ARG A 316 11.60 -26.55 -0.27
CA ARG A 316 12.64 -27.16 0.56
C ARG A 316 13.01 -26.19 1.69
N PRO A 317 13.61 -26.70 2.79
CA PRO A 317 14.00 -25.80 3.91
C PRO A 317 14.87 -24.61 3.54
N TRP A 318 15.65 -24.73 2.47
CA TRP A 318 16.55 -23.66 2.05
C TRP A 318 15.88 -22.63 1.16
N ASP A 319 14.64 -22.88 0.76
CA ASP A 319 13.95 -21.94 -0.13
C ASP A 319 13.50 -20.66 0.57
N ASN A 320 13.28 -20.72 1.88
CA ASN A 320 12.84 -19.52 2.61
C ASN A 320 13.53 -19.30 3.95
N SER A 321 14.73 -19.87 4.14
CA SER A 321 15.36 -19.92 5.47
C SER A 321 15.52 -18.55 6.14
N GLY A 326 6.70 -11.09 10.23
CA GLY A 326 5.99 -10.07 11.02
C GLY A 326 4.88 -10.61 11.91
N SER A 327 5.07 -10.58 13.23
CA SER A 327 4.06 -11.06 14.17
C SER A 327 2.94 -10.05 14.33
N PRO A 328 1.68 -10.50 14.23
CA PRO A 328 0.51 -9.69 14.43
C PRO A 328 0.09 -9.53 15.90
N GLU A 329 0.88 -10.04 16.85
CA GLU A 329 0.43 -10.05 18.24
C GLU A 329 0.27 -8.68 18.90
N LYS A 330 1.16 -7.75 18.61
CA LYS A 330 1.11 -6.43 19.25
C LYS A 330 -0.18 -5.69 18.88
N ALA A 331 -0.50 -5.67 17.58
CA ALA A 331 -1.72 -5.05 17.07
C ALA A 331 -2.97 -5.72 17.62
N ARG A 332 -2.92 -7.04 17.77
CA ARG A 332 -4.06 -7.78 18.34
C ARG A 332 -4.29 -7.38 19.80
N ARG A 333 -3.21 -7.47 20.60
CA ARG A 333 -3.26 -7.18 22.00
C ARG A 333 -3.61 -5.73 22.31
N GLU A 334 -2.96 -4.80 21.62
CA GLU A 334 -3.10 -3.38 21.97
C GLU A 334 -4.24 -2.68 21.24
N LEU A 335 -4.53 -3.09 20.00
CA LEU A 335 -5.50 -2.35 19.16
C LEU A 335 -6.79 -3.15 18.94
N GLY A 336 -6.79 -4.39 19.43
CA GLY A 336 -7.87 -5.32 19.14
C GLY A 336 -7.99 -5.64 17.67
N PHE A 337 -6.89 -5.49 16.92
CA PHE A 337 -6.92 -5.75 15.49
C PHE A 337 -6.40 -7.13 15.10
N SER A 338 -7.15 -7.76 14.20
CA SER A 338 -6.86 -9.07 13.65
C SER A 338 -7.20 -9.09 12.16
N ALA A 339 -6.23 -9.46 11.32
CA ALA A 339 -6.45 -9.56 9.86
C ALA A 339 -6.95 -10.97 9.55
N ASP A 340 -8.26 -11.16 9.54
CA ASP A 340 -8.86 -12.48 9.48
C ASP A 340 -9.39 -12.93 8.11
N VAL A 341 -9.21 -12.16 7.06
CA VAL A 341 -9.70 -12.57 5.74
C VAL A 341 -8.73 -13.60 5.14
N SER A 342 -9.25 -14.81 4.87
CA SER A 342 -8.43 -15.90 4.36
C SER A 342 -7.97 -15.61 2.92
N ILE A 343 -6.87 -16.23 2.54
CA ILE A 343 -6.34 -16.11 1.18
C ILE A 343 -7.40 -16.56 0.16
N ASP A 344 -8.18 -17.58 0.52
CA ASP A 344 -9.24 -18.08 -0.35
C ASP A 344 -10.38 -17.07 -0.52
N ASP A 345 -10.87 -16.50 0.58
CA ASP A 345 -11.91 -15.49 0.49
C ASP A 345 -11.44 -14.17 -0.15
N GLY A 346 -10.23 -13.73 0.18
CA GLY A 346 -9.71 -12.50 -0.39
C GLY A 346 -9.49 -12.61 -1.90
N LEU A 347 -8.97 -13.76 -2.32
CA LEU A 347 -8.75 -14.01 -3.74
C LEU A 347 -10.06 -13.99 -4.54
N ARG A 348 -11.09 -14.64 -4.01
CA ARG A 348 -12.41 -14.60 -4.62
C ARG A 348 -12.90 -13.16 -4.82
N LYS A 349 -12.75 -12.32 -3.79
CA LYS A 349 -13.22 -10.94 -3.86
C LYS A 349 -12.41 -10.15 -4.89
N THR A 350 -11.08 -10.36 -4.88
CA THR A 350 -10.19 -9.69 -5.81
C THR A 350 -10.48 -10.09 -7.26
N ILE A 351 -10.68 -11.38 -7.50
CA ILE A 351 -11.00 -11.88 -8.84
C ILE A 351 -12.35 -11.35 -9.33
N GLU A 352 -13.32 -11.28 -8.43
CA GLU A 352 -14.63 -10.78 -8.78
C GLU A 352 -14.52 -9.35 -9.28
N TRP A 353 -13.82 -8.51 -8.52
CA TRP A 353 -13.56 -7.11 -8.91
C TRP A 353 -12.78 -6.98 -10.23
N THR A 354 -11.77 -7.82 -10.39
CA THR A 354 -10.97 -7.80 -11.61
C THR A 354 -11.82 -8.15 -12.83
N LYS A 355 -12.60 -9.22 -12.70
CA LYS A 355 -13.56 -9.64 -13.73
C LYS A 355 -14.49 -8.48 -14.14
N ALA A 356 -15.12 -7.85 -13.15
CA ALA A 356 -16.06 -6.77 -13.39
C ALA A 356 -15.40 -5.54 -14.05
N ASN A 357 -14.13 -5.30 -13.77
CA ASN A 357 -13.44 -4.12 -14.30
C ASN A 357 -12.39 -4.43 -15.38
N LEU A 358 -12.43 -5.63 -15.93
CA LEU A 358 -11.33 -6.11 -16.80
C LEU A 358 -11.05 -5.21 -18.03
N ALA A 359 -12.11 -4.74 -18.70
CA ALA A 359 -11.97 -3.86 -19.88
C ALA A 359 -11.24 -2.55 -19.51
N VAL A 360 -11.62 -1.98 -18.36
CA VAL A 360 -11.05 -0.72 -17.90
C VAL A 360 -9.56 -0.94 -17.60
N ILE A 361 -9.26 -2.03 -16.91
CA ILE A 361 -7.88 -2.36 -16.54
C ILE A 361 -7.06 -2.57 -17.80
N GLU A 362 -7.62 -3.26 -18.79
CA GLU A 362 -6.91 -3.43 -20.06
C GLU A 362 -6.61 -2.12 -20.76
N GLN A 363 -7.54 -1.17 -20.72
CA GLN A 363 -7.33 0.13 -21.38
C GLN A 363 -6.18 0.85 -20.67
N ILE A 364 -6.19 0.76 -19.34
CA ILE A 364 -5.12 1.33 -18.54
C ILE A 364 -3.77 0.64 -18.83
N MET A 365 -3.73 -0.70 -18.83
CA MET A 365 -2.50 -1.41 -19.18
C MET A 365 -1.96 -0.97 -20.56
N ARG A 366 -2.85 -0.83 -21.55
CA ARG A 366 -2.44 -0.56 -22.93
C ARG A 366 -1.69 0.76 -23.11
N LYS A 367 -1.84 1.72 -22.19
CA LYS A 367 -1.12 2.97 -22.38
C LYS A 367 0.41 2.81 -22.31
N HIS A 368 0.87 1.72 -21.69
CA HIS A 368 2.30 1.43 -21.59
C HIS A 368 2.87 0.48 -22.67
N ASP A 369 2.04 0.09 -23.63
CA ASP A 369 2.45 -0.80 -24.72
C ASP A 369 3.77 -0.41 -25.39
N SER A 370 3.88 0.87 -25.73
CA SER A 370 5.05 1.41 -26.41
C SER A 370 6.31 1.39 -25.55
N ALA A 371 6.15 1.68 -24.26
CA ALA A 371 7.27 1.66 -23.32
C ALA A 371 7.67 0.22 -23.02
N LEU A 372 6.67 -0.67 -22.90
CA LEU A 372 6.92 -2.11 -22.76
C LEU A 372 7.73 -2.66 -23.93
N ALA A 373 7.30 -2.35 -25.15
CA ALA A 373 7.93 -2.89 -26.35
C ALA A 373 9.38 -2.42 -26.53
N THR A 374 9.70 -1.23 -26.03
CA THR A 374 11.05 -0.70 -26.19
C THR A 374 11.94 -0.90 -24.96
N TYR A 375 11.44 -1.58 -23.93
CA TYR A 375 12.23 -1.80 -22.72
C TYR A 375 13.27 -2.89 -22.94
PA NAD B . 0.33 2.82 -4.79
O1A NAD B . 1.39 3.11 -5.77
O2A NAD B . -0.97 2.35 -5.35
O5B NAD B . 0.01 4.05 -3.85
C5B NAD B . 0.88 5.10 -3.52
C4B NAD B . 0.25 6.39 -3.99
O4B NAD B . 1.14 7.46 -3.74
C3B NAD B . -0.17 6.44 -5.49
O3B NAD B . -1.56 6.73 -5.61
C2B NAD B . 0.73 7.55 -6.04
O2B NAD B . 0.19 8.32 -7.11
C1B NAD B . 0.94 8.40 -4.77
N9A NAD B . 2.07 9.32 -4.84
C8A NAD B . 3.33 9.12 -5.37
N7A NAD B . 4.07 10.22 -5.20
C5A NAD B . 3.32 11.12 -4.57
C6A NAD B . 3.60 12.39 -4.14
N6A NAD B . 4.78 12.92 -4.32
N1A NAD B . 2.59 13.10 -3.50
C2A NAD B . 1.36 12.53 -3.29
N3A NAD B . 1.07 11.25 -3.71
C4A NAD B . 2.06 10.57 -4.32
O3 NAD B . 0.91 1.64 -3.86
PN NAD B . 0.24 0.97 -2.56
O1N NAD B . 0.60 -0.42 -2.65
O2N NAD B . -1.14 1.43 -2.35
O5D NAD B . 1.14 1.67 -1.38
C5D NAD B . 0.59 2.43 -0.31
C4D NAD B . 1.60 2.48 0.86
O4D NAD B . 1.76 1.17 1.43
C3D NAD B . 2.99 2.94 0.46
O3D NAD B . 3.55 3.87 1.38
C2D NAD B . 3.78 1.66 0.33
O2D NAD B . 5.22 1.84 0.39
C1D NAD B . 3.14 0.89 1.49
N1N NAD B . 3.26 -0.53 1.41
C2N NAD B . 2.57 -1.24 0.46
C3N NAD B . 2.70 -2.63 0.41
C7N NAD B . 1.89 -3.48 -0.52
O7N NAD B . 2.13 -4.82 -0.51
N7N NAD B . 0.98 -2.95 -1.31
C4N NAD B . 3.52 -3.27 1.35
C5N NAD B . 4.21 -2.54 2.32
C6N NAD B . 4.05 -1.16 2.35
#